data_3ST8
#
_entry.id   3ST8
#
_cell.length_a   110.312
_cell.length_b   110.312
_cell.length_c   360.537
_cell.angle_alpha   90.00
_cell.angle_beta   90.00
_cell.angle_gamma   120.00
#
_symmetry.space_group_name_H-M   'H 3 2'
#
loop_
_entity.id
_entity.type
_entity.pdbx_description
1 polymer 'Bifunctional protein glmU'
2 non-polymer 'MAGNESIUM ION'
3 non-polymer 'COENZYME A'
4 non-polymer 2-amino-2-deoxy-1-O-phosphono-alpha-D-glucopyranose
5 non-polymer URIDINE-DIPHOSPHATE-N-ACETYLGLUCOSAMINE
6 water water
#
_entity_poly.entity_id   1
_entity_poly.type   'polypeptide(L)'
_entity_poly.pdbx_seq_one_letter_code
;HHHHHHMTFPGDTAVLVLAAGPGTRMRSDTPKVLHTLAGRSMLSHVLHAIAKLAPQRLIVVLGHDHQRIAPLVGELADTL
GRTIDVALQDRPLGTGHAVLCGLSALPDDYAGNVVVTSGDTPLLDADTLADLIATHRAVSAAVTVLTTTLDDPFGYGRIL
RTQDHEVMAIVEQTDATPSQREIREVNAGVYAFDIAALRSALSRLSSNNAQQELYLTDVIAILRSDGQTVHASHVDDSAL
VAGVNNRVQLAELASELNRRVVAAHQLAGVTVVDPATTWIDVDVTIGRDTVIHPGTQLLGRTQIGGRCVVGPDTTLTDVA
VGDGASVVRTHGSSSSIGDGAAVGPFTYLRPGTALGADGKLGAFVEVKNSTIGTGTKVPHLTYVGDADIGEYSNIGASSV
FVNYDGTSKRRTTVGSHVRTGSDTMFVAPVTIGDGAYTGAGTVVREDVPPGALAVSAGPQRNIENWVQRKRPGSPAAQAS
KRASEMACQQPTQPPDADQTP
;
_entity_poly.pdbx_strand_id   A
#
loop_
_chem_comp.id
_chem_comp.type
_chem_comp.name
_chem_comp.formula
COA non-polymer 'COENZYME A' 'C21 H36 N7 O16 P3 S'
GP1 D-saccharide 2-amino-2-deoxy-1-O-phosphono-alpha-D-glucopyranose 'C6 H14 N O8 P'
MG non-polymer 'MAGNESIUM ION' 'Mg 2'
UD1 non-polymer URIDINE-DIPHOSPHATE-N-ACETYLGLUCOSAMINE 'C17 H27 N3 O17 P2'
#
# COMPACT_ATOMS: atom_id res chain seq x y z
N ASP A 12 24.04 -6.00 23.92
CA ASP A 12 24.04 -4.78 23.03
C ASP A 12 24.30 -5.16 21.55
N THR A 13 23.52 -4.55 20.66
CA THR A 13 23.64 -4.91 19.22
C THR A 13 23.43 -3.76 18.21
N ALA A 14 24.25 -3.75 17.16
CA ALA A 14 24.17 -2.76 16.07
C ALA A 14 23.59 -3.57 14.85
N VAL A 15 22.57 -3.06 14.18
CA VAL A 15 22.04 -3.74 12.97
C VAL A 15 22.43 -2.91 11.80
N LEU A 16 23.02 -3.53 10.79
CA LEU A 16 23.33 -2.86 9.56
C LEU A 16 22.32 -3.37 8.49
N VAL A 17 21.81 -2.47 7.67
CA VAL A 17 20.96 -2.87 6.56
C VAL A 17 21.69 -2.51 5.29
N LEU A 18 21.94 -3.50 4.42
CA LEU A 18 22.71 -3.19 3.20
C LEU A 18 21.69 -2.79 2.16
N ALA A 19 21.83 -1.57 1.61
CA ALA A 19 20.81 -1.15 0.67
C ALA A 19 21.48 -0.33 -0.42
N ALA A 20 22.73 -0.65 -0.71
CA ALA A 20 23.53 0.24 -1.57
C ALA A 20 23.79 -0.44 -2.93
N GLY A 21 23.23 -1.64 -3.19
CA GLY A 21 23.57 -2.32 -4.50
C GLY A 21 22.74 -1.60 -5.62
N PRO A 22 23.02 -1.85 -6.90
CA PRO A 22 22.25 -1.09 -7.94
C PRO A 22 20.85 -1.66 -8.26
N GLY A 23 20.49 -2.87 -7.81
CA GLY A 23 19.07 -3.29 -8.18
C GLY A 23 18.82 -3.55 -9.66
N THR A 24 19.87 -3.98 -10.42
CA THR A 24 19.82 -3.98 -11.86
C THR A 24 18.62 -4.83 -12.43
N ARG A 25 18.40 -5.95 -11.81
CA ARG A 25 17.40 -6.95 -12.25
C ARG A 25 15.91 -6.46 -12.03
N MET A 26 15.77 -5.35 -11.31
CA MET A 26 14.45 -4.67 -11.24
C MET A 26 14.09 -4.00 -12.52
N ARG A 27 15.13 -3.64 -13.31
CA ARG A 27 14.91 -2.84 -14.47
C ARG A 27 14.04 -1.62 -14.22
N SER A 28 14.45 -0.75 -13.30
CA SER A 28 13.54 0.31 -12.91
C SER A 28 14.37 1.62 -12.74
N ASP A 29 13.76 2.75 -12.97
CA ASP A 29 14.35 4.01 -12.54
C ASP A 29 14.04 4.36 -11.08
N THR A 30 13.29 3.50 -10.36
CA THR A 30 13.06 3.78 -8.94
C THR A 30 13.96 2.88 -8.27
N PRO A 31 14.78 3.41 -7.31
CA PRO A 31 15.66 2.53 -6.52
C PRO A 31 14.93 1.27 -5.93
N LYS A 32 15.53 0.08 -6.04
CA LYS A 32 14.93 -1.17 -5.66
C LYS A 32 14.28 -1.19 -4.25
N VAL A 33 14.95 -0.61 -3.25
CA VAL A 33 14.45 -0.73 -1.83
C VAL A 33 13.27 0.22 -1.65
N LEU A 34 13.02 1.07 -2.63
CA LEU A 34 11.85 1.95 -2.58
C LEU A 34 10.61 1.31 -3.25
N HIS A 35 10.76 0.15 -3.90
CA HIS A 35 9.53 -0.52 -4.45
C HIS A 35 8.63 -0.99 -3.29
N THR A 36 7.31 -0.93 -3.51
CA THR A 36 6.36 -1.09 -2.35
C THR A 36 5.58 -2.43 -2.38
N LEU A 37 5.09 -2.82 -1.20
CA LEU A 37 4.12 -3.93 -1.10
C LEU A 37 3.35 -3.65 0.19
N ALA A 38 2.01 -3.80 0.08
CA ALA A 38 1.11 -3.70 1.23
C ALA A 38 1.27 -2.36 1.89
N GLY A 39 1.63 -1.35 1.11
CA GLY A 39 1.57 0.06 1.48
C GLY A 39 2.86 0.59 2.19
N ARG A 40 3.93 -0.23 2.17
CA ARG A 40 5.27 0.27 2.53
C ARG A 40 6.30 -0.08 1.56
N SER A 41 7.35 0.76 1.45
CA SER A 41 8.56 0.29 0.71
C SER A 41 9.24 -0.92 1.38
N MET A 42 10.01 -1.69 0.62
CA MET A 42 10.77 -2.78 1.23
C MET A 42 11.65 -2.24 2.35
N LEU A 43 12.27 -1.10 2.11
CA LEU A 43 13.15 -0.53 3.16
C LEU A 43 12.39 -0.21 4.44
N SER A 44 11.22 0.42 4.27
CA SER A 44 10.31 0.68 5.39
C SER A 44 9.88 -0.58 6.16
N HIS A 45 9.50 -1.64 5.42
CA HIS A 45 9.22 -2.91 6.09
C HIS A 45 10.44 -3.35 6.91
N VAL A 46 11.61 -3.31 6.28
CA VAL A 46 12.79 -3.83 6.99
C VAL A 46 13.05 -2.94 8.25
N LEU A 47 12.98 -1.62 8.13
CA LEU A 47 13.30 -0.73 9.28
C LEU A 47 12.25 -0.81 10.38
N HIS A 48 10.95 -1.03 10.03
CA HIS A 48 9.94 -1.19 11.09
C HIS A 48 10.27 -2.43 11.89
N ALA A 49 10.61 -3.51 11.22
CA ALA A 49 10.89 -4.77 11.91
C ALA A 49 12.12 -4.66 12.87
N ILE A 50 13.19 -4.09 12.36
CA ILE A 50 14.38 -3.77 13.17
C ILE A 50 14.08 -2.81 14.33
N ALA A 51 13.28 -1.79 14.11
CA ALA A 51 13.03 -0.85 15.21
C ALA A 51 12.27 -1.52 16.35
N LYS A 52 11.38 -2.46 16.01
CA LYS A 52 10.62 -3.22 17.01
C LYS A 52 11.60 -4.02 17.92
N LEU A 53 12.70 -4.48 17.33
CA LEU A 53 13.71 -5.23 18.10
C LEU A 53 14.43 -4.24 19.00
N ALA A 54 14.51 -2.97 18.58
CA ALA A 54 15.08 -1.86 19.38
C ALA A 54 16.59 -2.00 19.67
N PRO A 55 17.38 -2.27 18.61
CA PRO A 55 18.80 -2.45 18.85
C PRO A 55 19.40 -1.07 19.26
N GLN A 56 20.55 -1.14 19.92
CA GLN A 56 21.31 0.05 20.29
C GLN A 56 21.67 0.93 19.07
N ARG A 57 22.15 0.34 17.96
CA ARG A 57 22.53 1.14 16.78
C ARG A 57 21.84 0.57 15.52
N LEU A 58 21.53 1.43 14.54
CA LEU A 58 20.85 0.96 13.35
C LEU A 58 21.43 1.84 12.27
N ILE A 59 22.09 1.17 11.31
CA ILE A 59 22.82 1.86 10.26
C ILE A 59 22.31 1.38 8.91
N VAL A 60 22.08 2.25 7.93
CA VAL A 60 21.63 1.82 6.62
C VAL A 60 22.76 2.20 5.69
N VAL A 61 23.24 1.25 4.90
CA VAL A 61 24.31 1.55 3.95
C VAL A 61 23.65 1.87 2.62
N LEU A 62 23.89 3.08 2.10
CA LEU A 62 23.31 3.52 0.87
C LEU A 62 24.39 3.78 -0.21
N GLY A 63 23.96 3.81 -1.46
CA GLY A 63 24.95 3.94 -2.52
C GLY A 63 24.73 5.15 -3.38
N HIS A 64 24.81 4.95 -4.67
CA HIS A 64 24.82 6.17 -5.52
C HIS A 64 23.45 6.88 -5.52
N ASP A 65 22.32 6.19 -5.29
CA ASP A 65 21.09 6.93 -5.17
C ASP A 65 20.85 7.45 -3.76
N HIS A 66 21.86 7.63 -2.91
CA HIS A 66 21.55 7.89 -1.50
C HIS A 66 20.72 9.18 -1.35
N GLN A 67 20.88 10.15 -2.25
CA GLN A 67 20.07 11.37 -2.13
C GLN A 67 18.59 11.20 -2.20
N ARG A 68 18.19 10.19 -2.97
CA ARG A 68 16.81 9.80 -3.06
C ARG A 68 16.30 8.96 -1.90
N ILE A 69 17.17 8.25 -1.19
CA ILE A 69 16.68 7.36 -0.16
C ILE A 69 16.90 7.91 1.25
N ALA A 70 18.04 8.55 1.47
CA ALA A 70 18.39 9.09 2.83
C ALA A 70 17.26 9.89 3.50
N PRO A 71 16.57 10.75 2.71
CA PRO A 71 15.43 11.53 3.29
C PRO A 71 14.32 10.61 3.80
N LEU A 72 14.03 9.55 3.06
CA LEU A 72 13.04 8.59 3.58
C LEU A 72 13.54 7.83 4.81
N VAL A 73 14.83 7.51 4.88
CA VAL A 73 15.35 6.89 6.11
C VAL A 73 15.08 7.91 7.29
N GLY A 74 15.33 9.21 7.07
CA GLY A 74 15.10 10.20 8.21
C GLY A 74 13.61 10.24 8.58
N GLU A 75 12.73 10.24 7.58
CA GLU A 75 11.29 10.18 7.88
C GLU A 75 10.96 8.98 8.74
N LEU A 76 11.55 7.82 8.40
CA LEU A 76 11.30 6.57 9.16
C LEU A 76 11.96 6.71 10.55
N ALA A 77 13.14 7.29 10.63
CA ALA A 77 13.74 7.50 11.95
C ALA A 77 12.76 8.34 12.86
N ASP A 78 12.19 9.37 12.28
CA ASP A 78 11.23 10.21 12.98
C ASP A 78 9.99 9.42 13.39
N THR A 79 9.35 8.72 12.45
CA THR A 79 8.22 7.81 12.79
C THR A 79 8.57 6.83 13.83
N LEU A 80 9.75 6.23 13.72
CA LEU A 80 10.04 5.10 14.65
C LEU A 80 10.64 5.63 15.97
N GLY A 81 10.81 6.96 16.10
CA GLY A 81 11.31 7.52 17.37
C GLY A 81 12.73 7.17 17.72
N ARG A 82 13.66 7.13 16.76
CA ARG A 82 15.06 6.78 17.08
C ARG A 82 15.97 7.37 16.06
N THR A 83 17.27 7.19 16.27
CA THR A 83 18.33 7.68 15.38
C THR A 83 18.52 6.55 14.39
N ILE A 84 18.64 6.81 13.06
CA ILE A 84 19.05 5.72 12.11
C ILE A 84 20.17 6.39 11.35
N ASP A 85 21.37 5.81 11.38
CA ASP A 85 22.49 6.42 10.69
C ASP A 85 22.56 5.91 9.28
N VAL A 86 23.17 6.69 8.42
CA VAL A 86 23.39 6.28 7.01
C VAL A 86 24.88 6.26 6.77
N ALA A 87 25.41 5.15 6.21
CA ALA A 87 26.81 5.10 5.79
C ALA A 87 26.76 5.07 4.27
N LEU A 88 27.76 5.60 3.58
CA LEU A 88 27.74 5.62 2.12
C LEU A 88 28.78 4.66 1.54
N GLN A 89 28.40 3.92 0.52
CA GLN A 89 29.34 3.06 -0.13
C GLN A 89 29.40 3.67 -1.52
N ASP A 90 30.58 4.12 -1.95
CA ASP A 90 30.69 4.88 -3.21
C ASP A 90 30.46 4.05 -4.45
N ARG A 91 30.89 2.81 -4.44
CA ARG A 91 30.68 1.96 -5.59
C ARG A 91 30.28 0.59 -5.04
N PRO A 92 29.43 -0.14 -5.77
CA PRO A 92 28.91 -1.41 -5.18
C PRO A 92 29.93 -2.54 -5.33
N LEU A 93 30.93 -2.57 -4.44
CA LEU A 93 32.09 -3.47 -4.64
C LEU A 93 31.78 -4.84 -4.05
N GLY A 94 30.58 -4.96 -3.46
CA GLY A 94 30.17 -6.30 -2.96
C GLY A 94 29.58 -6.22 -1.57
N THR A 95 28.80 -7.25 -1.18
CA THR A 95 28.18 -7.17 0.12
C THR A 95 29.20 -7.07 1.25
N GLY A 96 30.34 -7.76 1.14
CA GLY A 96 31.28 -7.69 2.23
C GLY A 96 31.85 -6.23 2.33
N HIS A 97 32.08 -5.58 1.20
CA HIS A 97 32.58 -4.15 1.23
C HIS A 97 31.47 -3.23 1.80
N ALA A 98 30.21 -3.54 1.46
CA ALA A 98 29.07 -2.77 2.03
C ALA A 98 29.14 -2.85 3.58
N VAL A 99 29.39 -4.03 4.14
CA VAL A 99 29.46 -4.17 5.61
C VAL A 99 30.61 -3.33 6.17
N LEU A 100 31.77 -3.34 5.49
CA LEU A 100 32.92 -2.54 5.99
C LEU A 100 32.51 -1.04 5.95
N CYS A 101 31.81 -0.57 4.89
CA CYS A 101 31.22 0.83 4.92
C CYS A 101 30.30 1.01 6.13
N GLY A 102 29.40 0.07 6.38
CA GLY A 102 28.52 0.19 7.53
C GLY A 102 29.27 0.31 8.86
N LEU A 103 30.31 -0.47 9.00
CA LEU A 103 30.96 -0.53 10.31
C LEU A 103 31.65 0.84 10.60
N SER A 104 31.96 1.61 9.56
CA SER A 104 32.55 2.94 9.79
C SER A 104 31.61 3.88 10.54
N ALA A 105 30.32 3.57 10.58
CA ALA A 105 29.38 4.41 11.27
C ALA A 105 29.33 3.98 12.75
N LEU A 106 30.12 2.99 13.14
CA LEU A 106 30.16 2.55 14.53
C LEU A 106 31.49 3.12 15.14
N PRO A 107 31.53 3.26 16.44
CA PRO A 107 32.89 3.59 16.98
C PRO A 107 33.94 2.46 16.82
N ASP A 108 35.21 2.86 16.63
CA ASP A 108 36.31 1.92 16.52
C ASP A 108 36.31 0.92 17.62
N ASP A 109 35.85 1.27 18.80
CA ASP A 109 35.89 0.30 19.88
C ASP A 109 34.54 -0.34 20.16
N TYR A 110 33.60 -0.27 19.20
CA TYR A 110 32.27 -0.88 19.47
C TYR A 110 32.52 -2.36 19.87
N ALA A 111 31.79 -2.90 20.83
CA ALA A 111 32.03 -4.29 21.25
C ALA A 111 30.70 -5.03 21.28
N GLY A 112 29.59 -4.41 20.88
CA GLY A 112 28.31 -5.19 20.82
C GLY A 112 28.27 -6.21 19.64
N ASN A 113 27.23 -7.03 19.52
CA ASN A 113 27.11 -7.87 18.35
C ASN A 113 26.83 -7.02 17.10
N VAL A 114 27.12 -7.53 15.90
CA VAL A 114 26.72 -6.83 14.68
C VAL A 114 25.75 -7.79 13.91
N VAL A 115 24.51 -7.35 13.67
CA VAL A 115 23.58 -8.11 12.76
C VAL A 115 23.59 -7.42 11.42
N VAL A 116 23.61 -8.20 10.36
CA VAL A 116 23.62 -7.64 9.00
C VAL A 116 22.37 -8.20 8.30
N THR A 117 21.62 -7.35 7.63
CA THR A 117 20.50 -7.84 6.85
C THR A 117 20.44 -7.03 5.56
N SER A 118 19.61 -7.42 4.58
CA SER A 118 19.48 -6.66 3.37
C SER A 118 18.25 -5.82 3.39
N GLY A 119 18.26 -4.78 2.59
CA GLY A 119 17.08 -4.04 2.43
C GLY A 119 15.98 -4.73 1.52
N ASP A 120 16.27 -5.87 0.86
CA ASP A 120 15.30 -6.54 -0.06
C ASP A 120 14.71 -7.85 0.53
N THR A 121 14.59 -7.93 1.88
CA THR A 121 14.05 -9.10 2.61
C THR A 121 12.89 -8.56 3.45
N PRO A 122 11.78 -8.21 2.82
CA PRO A 122 10.78 -7.38 3.45
C PRO A 122 9.75 -8.07 4.39
N LEU A 123 9.73 -9.40 4.46
CA LEU A 123 8.88 -10.11 5.42
C LEU A 123 9.68 -10.48 6.66
N LEU A 124 10.96 -10.09 6.70
CA LEU A 124 11.75 -10.47 7.85
C LEU A 124 11.10 -9.75 9.05
N ASP A 125 11.10 -10.36 10.24
CA ASP A 125 10.32 -9.77 11.37
C ASP A 125 11.15 -9.73 12.65
N ALA A 126 10.70 -8.95 13.65
CA ALA A 126 11.55 -8.81 14.82
C ALA A 126 11.77 -10.18 15.50
N ASP A 127 10.80 -11.08 15.45
CA ASP A 127 10.94 -12.31 16.23
C ASP A 127 12.05 -13.15 15.62
N THR A 128 12.06 -13.23 14.27
CA THR A 128 13.13 -13.93 13.58
C THR A 128 14.52 -13.36 13.98
N LEU A 129 14.64 -12.03 14.00
CA LEU A 129 15.91 -11.37 14.39
C LEU A 129 16.23 -11.70 15.86
N ALA A 130 15.24 -11.63 16.77
CA ALA A 130 15.55 -11.88 18.18
C ALA A 130 16.00 -13.32 18.36
N ASP A 131 15.33 -14.27 17.69
CA ASP A 131 15.78 -15.65 17.75
C ASP A 131 17.16 -15.80 17.18
N LEU A 132 17.49 -15.12 16.06
CA LEU A 132 18.83 -15.10 15.59
C LEU A 132 19.83 -14.71 16.66
N ILE A 133 19.62 -13.53 17.25
CA ILE A 133 20.53 -13.05 18.24
C ILE A 133 20.60 -14.00 19.47
N ALA A 134 19.46 -14.55 19.93
CA ALA A 134 19.55 -15.53 21.03
C ALA A 134 20.37 -16.79 20.65
N THR A 135 20.12 -17.35 19.47
CA THR A 135 20.89 -18.50 18.98
C THR A 135 22.39 -18.21 18.99
N HIS A 136 22.78 -17.10 18.34
CA HIS A 136 24.16 -16.60 18.32
C HIS A 136 24.89 -16.57 19.69
N ARG A 137 24.22 -15.98 20.66
CA ARG A 137 24.73 -15.91 22.03
C ARG A 137 24.74 -17.28 22.69
N ALA A 138 23.68 -18.06 22.54
CA ALA A 138 23.60 -19.36 23.19
C ALA A 138 24.73 -20.31 22.77
N VAL A 139 25.08 -20.36 21.50
CA VAL A 139 26.13 -21.30 21.04
C VAL A 139 27.48 -20.63 21.03
N SER A 140 27.57 -19.43 21.58
CA SER A 140 28.78 -18.54 21.46
C SER A 140 29.46 -18.49 20.06
N ALA A 141 28.65 -18.31 19.02
CA ALA A 141 29.17 -18.28 17.65
C ALA A 141 30.05 -17.06 17.37
N ALA A 142 31.01 -17.21 16.49
CA ALA A 142 31.60 -16.03 15.89
C ALA A 142 30.70 -15.47 14.78
N VAL A 143 29.98 -16.34 14.09
CA VAL A 143 29.01 -15.93 13.03
C VAL A 143 27.86 -16.90 13.07
N THR A 144 26.61 -16.38 13.09
CA THR A 144 25.44 -17.22 12.94
C THR A 144 24.74 -16.71 11.64
N VAL A 145 24.46 -17.61 10.71
CA VAL A 145 23.78 -17.19 9.46
C VAL A 145 22.38 -17.84 9.43
N LEU A 146 21.37 -17.08 8.98
CA LEU A 146 20.02 -17.64 8.84
C LEU A 146 19.93 -18.35 7.49
N THR A 147 19.27 -19.54 7.43
CA THR A 147 19.24 -20.17 6.17
C THR A 147 17.75 -20.63 5.94
N THR A 148 17.40 -21.15 4.75
CA THR A 148 16.14 -21.87 4.76
C THR A 148 16.23 -22.83 3.60
N THR A 149 15.19 -23.67 3.44
CA THR A 149 15.18 -24.55 2.26
C THR A 149 14.01 -24.29 1.29
N LEU A 150 14.39 -24.22 0.04
CA LEU A 150 13.52 -23.85 -1.02
C LEU A 150 13.45 -24.98 -2.09
N ASP A 151 12.26 -25.15 -2.70
CA ASP A 151 12.07 -26.07 -3.88
C ASP A 151 12.87 -25.43 -4.96
N ASP A 152 12.90 -24.11 -4.97
CA ASP A 152 13.68 -23.53 -6.03
C ASP A 152 14.73 -22.63 -5.46
N PRO A 153 16.00 -23.07 -5.40
CA PRO A 153 17.02 -22.26 -4.68
C PRO A 153 17.72 -21.31 -5.66
N PHE A 154 17.24 -21.22 -6.92
CA PHE A 154 18.02 -20.44 -7.92
C PHE A 154 18.32 -19.02 -7.41
N GLY A 155 19.51 -18.50 -7.66
CA GLY A 155 19.79 -17.14 -7.21
C GLY A 155 20.36 -16.98 -5.79
N TYR A 156 20.05 -17.94 -4.90
CA TYR A 156 20.64 -17.85 -3.56
C TYR A 156 22.06 -18.45 -3.38
N GLY A 157 22.83 -17.96 -2.37
CA GLY A 157 24.05 -18.69 -1.98
C GLY A 157 23.67 -20.09 -1.41
N ARG A 158 24.46 -21.12 -1.73
CA ARG A 158 24.13 -22.45 -1.16
C ARG A 158 24.89 -22.73 0.16
N ILE A 159 24.24 -23.40 1.14
CA ILE A 159 24.86 -23.67 2.44
C ILE A 159 25.61 -25.10 2.31
N LEU A 160 26.91 -25.08 2.34
CA LEU A 160 27.73 -26.32 2.36
C LEU A 160 27.89 -26.81 3.79
N ARG A 161 27.39 -28.02 4.02
CA ARG A 161 27.49 -28.64 5.30
C ARG A 161 28.10 -30.04 5.19
N THR A 162 28.84 -30.45 6.22
CA THR A 162 29.33 -31.86 6.29
C THR A 162 28.21 -32.75 6.86
N GLN A 163 28.41 -34.09 6.98
CA GLN A 163 27.23 -35.00 7.22
C GLN A 163 26.74 -34.82 8.64
N ASP A 164 27.58 -34.24 9.49
CA ASP A 164 27.18 -34.00 10.83
C ASP A 164 26.43 -32.63 10.94
N HIS A 165 26.13 -32.00 9.81
CA HIS A 165 25.36 -30.68 9.73
C HIS A 165 26.18 -29.45 10.04
N GLU A 166 27.52 -29.61 10.17
CA GLU A 166 28.34 -28.45 10.50
C GLU A 166 28.48 -27.64 9.24
N VAL A 167 28.32 -26.32 9.31
CA VAL A 167 28.41 -25.54 8.10
C VAL A 167 29.86 -25.28 7.74
N MET A 168 30.21 -25.34 6.46
CA MET A 168 31.60 -25.14 6.10
C MET A 168 31.73 -23.84 5.32
N ALA A 169 30.72 -23.47 4.52
CA ALA A 169 30.91 -22.38 3.56
C ALA A 169 29.57 -22.01 3.01
N ILE A 170 29.50 -20.87 2.34
CA ILE A 170 28.39 -20.56 1.44
C ILE A 170 28.95 -20.32 0.04
N VAL A 171 28.28 -20.83 -0.99
CA VAL A 171 28.72 -20.68 -2.39
C VAL A 171 27.65 -20.06 -3.21
N GLU A 172 28.05 -18.98 -3.89
CA GLU A 172 27.05 -18.11 -4.61
C GLU A 172 26.57 -18.80 -5.89
N GLN A 173 25.30 -18.54 -6.28
CA GLN A 173 24.71 -19.10 -7.53
C GLN A 173 25.69 -18.98 -8.64
N THR A 174 26.27 -17.81 -8.81
CA THR A 174 27.17 -17.62 -9.96
C THR A 174 28.46 -18.42 -9.83
N ASP A 175 28.88 -18.79 -8.64
CA ASP A 175 30.13 -19.52 -8.48
C ASP A 175 29.96 -21.06 -8.17
N ALA A 176 28.73 -21.57 -8.01
CA ALA A 176 28.51 -22.95 -7.64
C ALA A 176 28.66 -23.87 -8.86
N THR A 177 29.26 -25.03 -8.62
CA THR A 177 29.30 -26.15 -9.61
C THR A 177 27.93 -26.72 -9.80
N PRO A 178 27.75 -27.51 -10.92
CA PRO A 178 26.45 -28.08 -11.12
C PRO A 178 26.05 -28.83 -9.88
N SER A 179 26.99 -29.51 -9.23
CA SER A 179 26.64 -30.31 -8.05
C SER A 179 26.15 -29.41 -6.79
N GLN A 180 26.89 -28.35 -6.54
CA GLN A 180 26.45 -27.35 -5.53
C GLN A 180 25.14 -26.75 -5.84
N ARG A 181 24.85 -26.54 -7.14
CA ARG A 181 23.59 -25.93 -7.48
C ARG A 181 22.40 -26.76 -7.08
N GLU A 182 22.58 -28.10 -6.96
CA GLU A 182 21.44 -28.91 -6.50
C GLU A 182 21.20 -28.72 -5.05
N ILE A 183 22.16 -28.20 -4.28
CA ILE A 183 21.79 -27.91 -2.87
C ILE A 183 20.53 -27.02 -2.76
N ARG A 184 19.57 -27.35 -1.89
CA ARG A 184 18.35 -26.61 -1.79
C ARG A 184 18.28 -25.73 -0.45
N GLU A 185 19.25 -25.91 0.45
CA GLU A 185 19.36 -25.07 1.63
C GLU A 185 20.13 -23.77 1.19
N VAL A 186 19.56 -22.58 1.47
CA VAL A 186 20.12 -21.33 0.95
C VAL A 186 20.37 -20.35 2.07
N ASN A 187 21.30 -19.46 1.79
CA ASN A 187 21.66 -18.37 2.69
C ASN A 187 20.53 -17.25 2.67
N ALA A 188 19.93 -16.94 3.80
CA ALA A 188 18.90 -15.85 3.85
C ALA A 188 19.62 -14.47 3.74
N GLY A 189 20.93 -14.42 3.92
CA GLY A 189 21.66 -13.11 3.82
C GLY A 189 21.41 -12.29 5.09
N VAL A 190 21.07 -12.95 6.19
CA VAL A 190 20.79 -12.31 7.51
C VAL A 190 21.76 -12.98 8.50
N TYR A 191 22.61 -12.22 9.18
CA TYR A 191 23.74 -12.84 9.97
C TYR A 191 23.86 -12.11 11.30
N ALA A 192 24.37 -12.80 12.32
CA ALA A 192 24.83 -12.14 13.59
C ALA A 192 26.38 -12.42 13.65
N PHE A 193 27.15 -11.44 14.13
CA PHE A 193 28.59 -11.53 14.11
C PHE A 193 29.12 -11.06 15.46
N ASP A 194 30.13 -11.77 15.94
CA ASP A 194 31.08 -11.20 16.91
C ASP A 194 31.85 -10.08 16.15
N ILE A 195 31.88 -8.82 16.64
CA ILE A 195 32.50 -7.79 15.82
C ILE A 195 33.97 -7.98 15.46
N ALA A 196 34.77 -8.44 16.44
CA ALA A 196 36.21 -8.63 16.12
C ALA A 196 36.39 -9.65 14.98
N ALA A 197 35.72 -10.78 15.13
CA ALA A 197 35.83 -11.83 14.13
C ALA A 197 35.38 -11.28 12.76
N LEU A 198 34.27 -10.51 12.79
CA LEU A 198 33.81 -9.91 11.49
C LEU A 198 34.87 -9.02 10.86
N ARG A 199 35.42 -8.07 11.63
CA ARG A 199 36.43 -7.19 11.07
C ARG A 199 37.60 -7.95 10.55
N SER A 200 38.01 -8.97 11.32
CA SER A 200 39.16 -9.73 10.89
C SER A 200 38.93 -10.45 9.55
N ALA A 201 37.80 -11.16 9.46
CA ALA A 201 37.48 -11.86 8.22
C ALA A 201 37.31 -10.95 7.06
N LEU A 202 36.62 -9.81 7.30
CA LEU A 202 36.39 -8.89 6.18
C LEU A 202 37.71 -8.39 5.52
N SER A 203 38.70 -8.13 6.38
CA SER A 203 40.00 -7.60 5.92
C SER A 203 40.70 -8.62 5.02
N ARG A 204 40.19 -9.87 4.98
CA ARG A 204 40.83 -10.90 4.14
C ARG A 204 40.06 -11.35 2.94
N LEU A 205 38.90 -10.73 2.66
CA LEU A 205 38.17 -11.01 1.44
C LEU A 205 39.03 -10.79 0.18
N SER A 206 38.81 -11.59 -0.87
CA SER A 206 39.45 -11.44 -2.15
C SER A 206 38.34 -11.34 -3.17
N SER A 207 38.56 -10.61 -4.23
CA SER A 207 37.50 -10.59 -5.24
C SER A 207 37.71 -11.46 -6.49
N ASN A 208 38.51 -12.51 -6.46
CA ASN A 208 38.36 -13.39 -7.66
C ASN A 208 37.37 -14.48 -7.53
N ASN A 209 36.28 -14.25 -8.22
CA ASN A 209 35.14 -15.10 -8.10
C ASN A 209 34.43 -14.61 -9.28
N ALA A 210 33.33 -15.24 -9.64
CA ALA A 210 32.69 -14.92 -10.88
C ALA A 210 32.13 -13.50 -10.93
N GLN A 211 31.68 -12.90 -9.81
CA GLN A 211 31.04 -11.59 -9.88
C GLN A 211 32.13 -10.47 -9.79
N GLN A 212 33.34 -10.93 -9.46
CA GLN A 212 34.44 -10.10 -9.09
C GLN A 212 34.07 -9.04 -8.03
N GLU A 213 33.45 -9.49 -6.93
CA GLU A 213 33.07 -8.62 -5.80
C GLU A 213 33.71 -9.13 -4.48
N LEU A 214 33.59 -8.31 -3.42
CA LEU A 214 33.97 -8.74 -2.11
C LEU A 214 32.68 -9.32 -1.46
N TYR A 215 32.62 -10.64 -1.39
CA TYR A 215 31.41 -11.34 -0.89
C TYR A 215 31.39 -11.42 0.61
N LEU A 216 30.31 -10.93 1.20
CA LEU A 216 30.17 -11.09 2.66
C LEU A 216 30.14 -12.61 2.96
N THR A 217 29.62 -13.41 2.02
CA THR A 217 29.35 -14.87 2.29
C THR A 217 30.71 -15.61 2.49
N ASP A 218 31.84 -15.04 2.04
CA ASP A 218 33.15 -15.69 2.22
C ASP A 218 33.59 -15.73 3.65
N VAL A 219 33.04 -14.85 4.48
CA VAL A 219 33.44 -14.81 5.85
C VAL A 219 33.10 -16.13 6.55
N ILE A 220 32.11 -16.88 6.04
CA ILE A 220 31.70 -18.08 6.76
C ILE A 220 32.93 -19.10 6.70
N ALA A 221 33.39 -19.40 5.50
CA ALA A 221 34.54 -20.32 5.31
C ALA A 221 35.85 -19.74 5.90
N ILE A 222 36.06 -18.43 5.79
CA ILE A 222 37.17 -17.81 6.52
C ILE A 222 37.11 -18.07 8.00
N LEU A 223 35.97 -17.83 8.67
CA LEU A 223 35.95 -18.02 10.12
C LEU A 223 36.00 -19.52 10.46
N ARG A 224 35.46 -20.35 9.58
CA ARG A 224 35.51 -21.83 9.79
C ARG A 224 37.04 -22.26 9.79
N SER A 225 37.80 -21.89 8.77
CA SER A 225 39.27 -22.03 8.78
C SER A 225 39.98 -21.49 9.97
N ASP A 226 39.74 -20.27 10.41
CA ASP A 226 40.33 -19.89 11.68
C ASP A 226 40.01 -20.75 12.88
N GLY A 227 39.10 -21.72 12.78
CA GLY A 227 38.72 -22.44 14.00
C GLY A 227 37.71 -21.77 14.89
N GLN A 228 37.01 -20.74 14.37
CA GLN A 228 35.97 -20.09 15.20
C GLN A 228 34.69 -20.89 15.11
N THR A 229 33.75 -20.69 16.02
CA THR A 229 32.44 -21.33 15.93
C THR A 229 31.55 -20.67 14.86
N VAL A 230 31.09 -21.46 13.87
CA VAL A 230 30.29 -20.94 12.75
C VAL A 230 28.98 -21.72 12.90
N HIS A 231 27.85 -21.01 13.01
CA HIS A 231 26.57 -21.63 13.20
C HIS A 231 25.51 -21.20 12.09
N ALA A 232 24.68 -22.12 11.56
CA ALA A 232 23.67 -21.79 10.56
C ALA A 232 22.36 -22.21 11.08
N SER A 233 21.48 -21.22 11.43
CA SER A 233 20.15 -21.39 11.92
C SER A 233 19.02 -21.41 10.86
N HIS A 234 18.29 -22.53 10.84
CA HIS A 234 17.42 -22.85 9.73
C HIS A 234 16.04 -22.26 10.01
N VAL A 235 15.57 -21.41 9.10
CA VAL A 235 14.20 -20.76 9.29
C VAL A 235 13.21 -21.59 8.48
N ASP A 236 12.31 -22.30 9.15
CA ASP A 236 11.35 -23.16 8.37
C ASP A 236 10.35 -22.30 7.59
N ASP A 237 9.88 -21.22 8.17
CA ASP A 237 8.96 -20.36 7.31
C ASP A 237 9.77 -19.54 6.30
N SER A 238 9.99 -20.05 5.10
CA SER A 238 10.94 -19.45 4.18
C SER A 238 10.57 -18.03 3.80
N ALA A 239 9.26 -17.73 3.85
CA ALA A 239 8.83 -16.47 3.30
C ALA A 239 9.49 -15.39 4.14
N LEU A 240 9.63 -15.61 5.44
CA LEU A 240 10.22 -14.60 6.30
C LEU A 240 11.59 -14.13 5.79
N VAL A 241 12.36 -14.98 5.07
CA VAL A 241 13.72 -14.57 4.72
C VAL A 241 13.86 -14.58 3.22
N ALA A 242 12.72 -14.60 2.51
CA ALA A 242 12.79 -14.49 1.04
C ALA A 242 13.25 -13.15 0.62
N GLY A 243 14.07 -13.16 -0.43
CA GLY A 243 14.49 -11.89 -0.94
C GLY A 243 13.88 -11.56 -2.26
N VAL A 244 14.00 -10.29 -2.59
CA VAL A 244 13.44 -9.69 -3.76
C VAL A 244 14.57 -9.05 -4.67
N ASN A 245 14.90 -9.77 -5.76
CA ASN A 245 15.86 -9.17 -6.77
C ASN A 245 15.17 -8.71 -8.08
N ASN A 246 13.89 -9.09 -8.36
CA ASN A 246 13.28 -8.64 -9.57
C ASN A 246 11.73 -8.50 -9.28
N ARG A 247 10.99 -8.05 -10.29
CA ARG A 247 9.56 -7.78 -10.11
C ARG A 247 8.71 -9.05 -9.98
N VAL A 248 9.19 -10.23 -10.44
CA VAL A 248 8.45 -11.46 -10.24
C VAL A 248 8.49 -11.83 -8.75
N GLN A 249 9.66 -11.73 -8.14
CA GLN A 249 9.79 -12.06 -6.69
C GLN A 249 9.03 -11.02 -5.88
N LEU A 250 9.07 -9.80 -6.36
CA LEU A 250 8.42 -8.78 -5.56
C LEU A 250 6.87 -9.10 -5.55
N ALA A 251 6.25 -9.39 -6.70
CA ALA A 251 4.79 -9.65 -6.69
C ALA A 251 4.53 -10.94 -5.89
N GLU A 252 5.44 -11.95 -5.97
CA GLU A 252 5.20 -13.15 -5.14
C GLU A 252 5.20 -12.90 -3.64
N LEU A 253 6.15 -12.10 -3.18
CA LEU A 253 6.15 -11.77 -1.76
C LEU A 253 4.99 -10.85 -1.40
N ALA A 254 4.65 -9.91 -2.29
CA ALA A 254 3.47 -9.07 -2.03
C ALA A 254 2.24 -9.98 -1.81
N SER A 255 2.09 -11.00 -2.65
CA SER A 255 0.93 -11.84 -2.56
C SER A 255 1.00 -12.68 -1.25
N GLU A 256 2.18 -13.16 -0.83
CA GLU A 256 2.24 -13.95 0.38
C GLU A 256 2.02 -13.03 1.64
N LEU A 257 2.62 -11.83 1.64
CA LEU A 257 2.35 -10.89 2.72
C LEU A 257 0.83 -10.62 2.81
N ASN A 258 0.24 -10.40 1.65
CA ASN A 258 -1.20 -10.09 1.63
C ASN A 258 -2.03 -11.21 2.20
N ARG A 259 -1.68 -12.46 1.87
CA ARG A 259 -2.38 -13.57 2.39
C ARG A 259 -2.35 -13.58 3.90
N ARG A 260 -1.21 -13.22 4.45
CA ARG A 260 -1.09 -13.25 5.92
C ARG A 260 -1.88 -12.13 6.56
N VAL A 261 -1.85 -10.94 5.92
CA VAL A 261 -2.62 -9.78 6.43
C VAL A 261 -4.11 -10.14 6.44
N VAL A 262 -4.57 -10.65 5.29
CA VAL A 262 -6.01 -11.07 5.19
C VAL A 262 -6.38 -12.15 6.22
N ALA A 263 -5.52 -13.17 6.37
CA ALA A 263 -5.81 -14.21 7.32
C ALA A 263 -5.94 -13.67 8.73
N ALA A 264 -5.05 -12.73 9.13
CA ALA A 264 -5.23 -12.12 10.43
C ALA A 264 -6.61 -11.42 10.62
N HIS A 265 -7.08 -10.72 9.59
CA HIS A 265 -8.38 -10.09 9.73
C HIS A 265 -9.48 -11.19 9.76
N GLN A 266 -9.38 -12.25 8.95
CA GLN A 266 -10.39 -13.32 9.02
C GLN A 266 -10.45 -13.94 10.43
N LEU A 267 -9.30 -14.27 10.99
CA LEU A 267 -9.30 -14.84 12.36
C LEU A 267 -9.85 -13.84 13.38
N ALA A 268 -9.71 -12.52 13.10
CA ALA A 268 -10.23 -11.57 14.05
C ALA A 268 -11.73 -11.38 13.83
N GLY A 269 -12.38 -11.92 12.79
CA GLY A 269 -13.82 -11.71 12.71
C GLY A 269 -14.28 -10.97 11.43
N VAL A 270 -13.44 -10.94 10.38
CA VAL A 270 -13.84 -10.27 9.12
C VAL A 270 -14.08 -11.40 8.07
N THR A 271 -15.22 -11.39 7.40
CA THR A 271 -15.41 -12.36 6.35
C THR A 271 -14.75 -11.74 5.14
N VAL A 272 -13.84 -12.47 4.55
CA VAL A 272 -13.22 -12.04 3.30
C VAL A 272 -13.56 -13.14 2.27
N VAL A 273 -14.46 -12.83 1.35
CA VAL A 273 -14.98 -13.82 0.41
C VAL A 273 -13.88 -14.45 -0.39
N ASP A 274 -12.96 -13.61 -0.91
CA ASP A 274 -11.94 -14.18 -1.75
C ASP A 274 -10.60 -13.48 -1.41
N PRO A 275 -9.89 -14.07 -0.44
CA PRO A 275 -8.63 -13.52 -0.04
C PRO A 275 -7.65 -13.26 -1.20
N ALA A 276 -7.67 -14.07 -2.25
CA ALA A 276 -6.69 -13.87 -3.34
C ALA A 276 -6.91 -12.59 -4.08
N THR A 277 -8.15 -12.07 -4.12
CA THR A 277 -8.39 -10.77 -4.79
C THR A 277 -8.80 -9.62 -3.82
N THR A 278 -8.35 -9.74 -2.58
CA THR A 278 -8.65 -8.76 -1.61
C THR A 278 -7.28 -8.27 -1.08
N TRP A 279 -6.87 -7.03 -1.38
CA TRP A 279 -5.53 -6.55 -1.06
C TRP A 279 -5.74 -5.58 0.11
N ILE A 280 -5.07 -5.85 1.22
CA ILE A 280 -5.21 -5.05 2.39
C ILE A 280 -3.80 -4.58 2.86
N ASP A 281 -3.60 -3.29 2.91
CA ASP A 281 -2.35 -2.76 3.38
C ASP A 281 -2.16 -2.94 4.89
N VAL A 282 -0.89 -2.85 5.33
CA VAL A 282 -0.58 -3.25 6.71
C VAL A 282 -1.23 -2.35 7.77
N ASP A 283 -1.52 -1.08 7.53
CA ASP A 283 -2.05 -0.32 8.67
C ASP A 283 -3.60 -0.26 8.63
N VAL A 284 -4.22 -0.89 7.64
CA VAL A 284 -5.71 -0.87 7.56
C VAL A 284 -6.31 -1.61 8.77
N THR A 285 -7.42 -1.08 9.33
CA THR A 285 -8.11 -1.75 10.38
C THR A 285 -9.57 -2.02 9.86
N ILE A 286 -10.10 -3.15 10.29
CA ILE A 286 -11.46 -3.63 9.88
C ILE A 286 -12.24 -4.16 11.06
N GLY A 287 -13.47 -3.71 11.25
CA GLY A 287 -14.28 -4.20 12.43
C GLY A 287 -14.99 -5.51 12.21
N ARG A 288 -15.41 -6.09 13.30
CA ARG A 288 -15.94 -7.40 13.33
C ARG A 288 -17.22 -7.54 12.53
N ASP A 289 -17.36 -8.73 11.90
CA ASP A 289 -18.47 -9.06 11.06
C ASP A 289 -18.65 -8.20 9.78
N THR A 290 -17.69 -7.35 9.48
CA THR A 290 -17.64 -6.71 8.10
C THR A 290 -17.46 -7.87 7.08
N VAL A 291 -18.04 -7.74 5.89
CA VAL A 291 -17.85 -8.64 4.83
C VAL A 291 -17.20 -7.86 3.64
N ILE A 292 -16.12 -8.44 3.13
CA ILE A 292 -15.36 -7.80 2.08
C ILE A 292 -15.49 -8.71 0.89
N HIS A 293 -16.15 -8.19 -0.13
CA HIS A 293 -16.39 -8.90 -1.38
C HIS A 293 -15.20 -8.86 -2.38
N PRO A 294 -15.21 -9.74 -3.42
CA PRO A 294 -13.95 -9.94 -4.11
C PRO A 294 -13.53 -8.66 -4.89
N GLY A 295 -12.24 -8.62 -5.26
CA GLY A 295 -11.76 -7.48 -6.16
C GLY A 295 -11.57 -6.19 -5.38
N THR A 296 -11.44 -6.25 -4.06
CA THR A 296 -11.39 -5.01 -3.25
C THR A 296 -9.90 -4.73 -2.84
N GLN A 297 -9.50 -3.48 -2.82
CA GLN A 297 -8.23 -3.18 -2.18
C GLN A 297 -8.50 -2.09 -1.16
N LEU A 298 -7.90 -2.27 0.03
CA LEU A 298 -8.11 -1.32 1.13
C LEU A 298 -6.67 -0.84 1.39
N LEU A 299 -6.40 0.43 1.13
CA LEU A 299 -5.02 0.85 0.98
C LEU A 299 -4.71 1.99 1.95
N GLY A 300 -3.42 2.17 2.26
CA GLY A 300 -3.04 3.33 3.08
C GLY A 300 -3.59 3.17 4.52
N ARG A 301 -4.21 4.22 5.04
CA ARG A 301 -4.66 4.16 6.43
C ARG A 301 -6.19 4.05 6.37
N THR A 302 -6.75 3.38 5.36
CA THR A 302 -8.18 3.10 5.43
C THR A 302 -8.62 2.47 6.75
N GLN A 303 -9.81 2.84 7.23
CA GLN A 303 -10.35 2.18 8.45
C GLN A 303 -11.76 1.81 8.17
N ILE A 304 -12.11 0.56 8.38
CA ILE A 304 -13.48 0.15 8.06
C ILE A 304 -14.12 -0.28 9.42
N GLY A 305 -15.36 0.16 9.69
CA GLY A 305 -16.00 -0.21 10.96
C GLY A 305 -16.51 -1.64 10.98
N GLY A 306 -17.33 -1.93 12.00
CA GLY A 306 -17.92 -3.24 12.07
C GLY A 306 -19.20 -3.40 11.30
N ARG A 307 -19.57 -4.63 10.94
CA ARG A 307 -20.82 -4.91 10.19
C ARG A 307 -20.98 -4.10 8.89
N CYS A 308 -19.85 -3.74 8.27
CA CYS A 308 -19.90 -3.04 6.97
C CYS A 308 -19.99 -4.06 5.84
N VAL A 309 -20.37 -3.57 4.67
CA VAL A 309 -20.35 -4.42 3.50
C VAL A 309 -19.49 -3.59 2.49
N VAL A 310 -18.40 -4.21 2.06
CA VAL A 310 -17.39 -3.58 1.19
C VAL A 310 -17.10 -4.39 -0.09
N GLY A 311 -17.19 -3.73 -1.23
CA GLY A 311 -16.95 -4.42 -2.50
C GLY A 311 -18.25 -4.94 -3.07
N PRO A 312 -18.18 -5.66 -4.19
CA PRO A 312 -16.95 -6.03 -4.87
C PRO A 312 -16.30 -4.82 -5.59
N ASP A 313 -15.06 -4.99 -6.03
CA ASP A 313 -14.42 -4.08 -6.93
C ASP A 313 -14.41 -2.65 -6.45
N THR A 314 -13.99 -2.52 -5.22
CA THR A 314 -13.93 -1.25 -4.55
C THR A 314 -12.39 -1.01 -4.28
N THR A 315 -11.94 0.24 -4.41
CA THR A 315 -10.57 0.56 -4.02
C THR A 315 -10.73 1.79 -3.10
N LEU A 316 -10.22 1.71 -1.86
CA LEU A 316 -10.30 2.83 -0.95
C LEU A 316 -8.88 3.13 -0.45
N THR A 317 -8.47 4.38 -0.58
CA THR A 317 -7.13 4.72 -0.07
C THR A 317 -7.30 5.84 0.98
N ASP A 318 -6.86 5.58 2.22
CA ASP A 318 -7.12 6.53 3.38
C ASP A 318 -8.59 6.92 3.46
N VAL A 319 -9.50 5.95 3.47
CA VAL A 319 -10.89 6.29 3.59
C VAL A 319 -11.38 5.80 4.94
N ALA A 320 -12.09 6.63 5.71
CA ALA A 320 -12.62 6.08 7.01
C ALA A 320 -14.09 5.75 6.77
N VAL A 321 -14.54 4.56 7.13
CA VAL A 321 -15.89 4.13 6.89
C VAL A 321 -16.45 3.71 8.26
N GLY A 322 -17.60 4.27 8.64
CA GLY A 322 -18.12 3.94 10.01
C GLY A 322 -18.85 2.61 10.00
N ASP A 323 -19.50 2.26 11.10
CA ASP A 323 -20.10 0.98 11.25
C ASP A 323 -21.38 0.81 10.43
N GLY A 324 -21.65 -0.38 9.95
CA GLY A 324 -22.95 -0.67 9.32
C GLY A 324 -23.01 -0.03 7.89
N ALA A 325 -21.94 0.49 7.36
CA ALA A 325 -22.04 1.21 6.08
C ALA A 325 -21.89 0.19 4.93
N SER A 326 -22.28 0.59 3.73
CA SER A 326 -22.06 -0.27 2.54
C SER A 326 -21.29 0.57 1.51
N VAL A 327 -20.20 0.02 0.93
CA VAL A 327 -19.38 0.75 0.00
C VAL A 327 -19.04 -0.24 -1.13
N VAL A 328 -19.77 -0.14 -2.20
CA VAL A 328 -19.80 -1.21 -3.24
C VAL A 328 -19.34 -0.59 -4.53
N ARG A 329 -18.50 -1.30 -5.31
CA ARG A 329 -18.04 -0.78 -6.63
C ARG A 329 -17.67 0.66 -6.52
N THR A 330 -16.82 1.00 -5.55
CA THR A 330 -16.56 2.47 -5.33
C THR A 330 -15.01 2.66 -5.48
N HIS A 331 -14.62 3.76 -6.03
CA HIS A 331 -13.18 4.13 -6.14
C HIS A 331 -13.04 5.44 -5.34
N GLY A 332 -12.33 5.38 -4.23
CA GLY A 332 -12.34 6.55 -3.38
C GLY A 332 -11.06 6.79 -2.59
N SER A 333 -10.77 8.05 -2.24
CA SER A 333 -9.56 8.30 -1.43
C SER A 333 -9.78 9.54 -0.51
N SER A 334 -9.07 9.54 0.63
CA SER A 334 -9.03 10.70 1.56
C SER A 334 -10.41 11.23 1.84
N SER A 335 -11.29 10.31 2.28
CA SER A 335 -12.73 10.67 2.44
C SER A 335 -13.23 10.02 3.68
N SER A 336 -14.43 10.42 4.15
CA SER A 336 -14.95 9.66 5.24
C SER A 336 -16.45 9.41 4.95
N ILE A 337 -16.91 8.25 5.41
CA ILE A 337 -18.24 7.76 5.10
C ILE A 337 -18.86 7.35 6.47
N GLY A 338 -19.98 8.02 6.80
CA GLY A 338 -20.56 7.84 8.14
C GLY A 338 -21.24 6.53 8.38
N ASP A 339 -21.55 6.26 9.65
CA ASP A 339 -22.18 5.04 10.01
C ASP A 339 -23.48 4.86 9.23
N GLY A 340 -23.70 3.64 8.80
CA GLY A 340 -24.99 3.24 8.16
C GLY A 340 -25.16 3.85 6.74
N ALA A 341 -24.14 4.57 6.23
CA ALA A 341 -24.28 5.20 4.92
C ALA A 341 -24.24 4.18 3.78
N ALA A 342 -24.67 4.59 2.57
CA ALA A 342 -24.65 3.61 1.46
C ALA A 342 -23.95 4.33 0.28
N VAL A 343 -22.87 3.71 -0.19
CA VAL A 343 -22.08 4.31 -1.28
C VAL A 343 -21.98 3.27 -2.39
N GLY A 344 -22.26 3.68 -3.64
CA GLY A 344 -22.10 2.79 -4.80
C GLY A 344 -23.47 2.25 -5.28
N PRO A 345 -23.47 1.41 -6.32
CA PRO A 345 -22.29 0.93 -7.07
C PRO A 345 -21.86 2.05 -8.03
N PHE A 346 -20.60 2.05 -8.47
CA PHE A 346 -20.07 2.99 -9.45
C PHE A 346 -20.04 4.42 -8.92
N THR A 347 -19.24 4.62 -7.87
CA THR A 347 -19.19 5.96 -7.25
C THR A 347 -17.73 6.33 -7.14
N TYR A 348 -17.41 7.64 -7.31
CA TYR A 348 -16.04 8.07 -7.31
C TYR A 348 -15.95 9.15 -6.19
N LEU A 349 -15.17 8.88 -5.16
CA LEU A 349 -14.98 9.87 -4.04
C LEU A 349 -13.55 10.43 -4.17
N ARG A 350 -13.44 11.76 -4.25
CA ARG A 350 -12.14 12.41 -4.36
C ARG A 350 -11.87 13.04 -2.99
N PRO A 351 -10.63 13.47 -2.75
CA PRO A 351 -10.27 13.99 -1.47
C PRO A 351 -11.18 15.05 -0.93
N GLY A 352 -11.37 14.99 0.39
CA GLY A 352 -12.16 16.00 1.10
C GLY A 352 -13.65 15.66 1.05
N THR A 353 -13.99 14.42 0.64
CA THR A 353 -15.40 14.05 0.74
C THR A 353 -15.74 13.63 2.13
N ALA A 354 -16.83 14.17 2.72
CA ALA A 354 -17.30 13.70 4.02
C ALA A 354 -18.76 13.45 3.97
N LEU A 355 -19.15 12.19 4.02
CA LEU A 355 -20.57 11.82 3.90
C LEU A 355 -21.11 11.46 5.32
N GLY A 356 -22.15 12.17 5.79
CA GLY A 356 -22.65 11.82 7.16
C GLY A 356 -23.31 10.47 7.30
N ALA A 357 -23.69 10.15 8.55
CA ALA A 357 -24.34 8.89 8.92
C ALA A 357 -25.63 8.84 8.10
N ASP A 358 -25.93 7.65 7.62
CA ASP A 358 -27.16 7.33 6.88
C ASP A 358 -27.29 8.10 5.59
N GLY A 359 -26.20 8.70 5.15
CA GLY A 359 -26.16 9.44 3.85
C GLY A 359 -26.11 8.45 2.64
N LYS A 360 -26.35 8.96 1.44
CA LYS A 360 -26.21 8.04 0.31
C LYS A 360 -25.56 8.73 -0.85
N LEU A 361 -24.57 8.07 -1.47
CA LEU A 361 -23.96 8.54 -2.70
C LEU A 361 -24.13 7.35 -3.67
N GLY A 362 -24.99 7.55 -4.69
CA GLY A 362 -25.51 6.47 -5.46
C GLY A 362 -24.70 6.25 -6.75
N ALA A 363 -25.30 5.58 -7.73
CA ALA A 363 -24.55 5.17 -8.94
C ALA A 363 -24.26 6.38 -9.82
N PHE A 364 -23.05 6.36 -10.37
CA PHE A 364 -22.60 7.40 -11.28
C PHE A 364 -22.56 8.77 -10.62
N VAL A 365 -22.09 8.77 -9.38
CA VAL A 365 -21.96 10.04 -8.63
C VAL A 365 -20.46 10.22 -8.34
N GLU A 366 -20.05 11.48 -8.47
CA GLU A 366 -18.66 11.82 -8.18
C GLU A 366 -18.75 12.98 -7.16
N VAL A 367 -17.93 12.86 -6.06
CA VAL A 367 -17.88 13.92 -5.03
C VAL A 367 -16.43 14.32 -4.81
N LYS A 368 -16.20 15.65 -4.72
CA LYS A 368 -14.86 16.14 -4.46
C LYS A 368 -15.03 17.25 -3.39
N ASN A 369 -14.20 17.23 -2.31
CA ASN A 369 -14.09 18.37 -1.38
C ASN A 369 -15.51 18.99 -0.91
N SER A 370 -16.39 18.09 -0.49
CA SER A 370 -17.77 18.49 -0.14
C SER A 370 -18.13 17.80 1.12
N THR A 371 -18.95 18.46 1.91
CA THR A 371 -19.48 17.83 3.13
C THR A 371 -20.97 17.69 2.94
N ILE A 372 -21.49 16.51 3.29
CA ILE A 372 -22.81 16.10 3.00
C ILE A 372 -23.36 15.61 4.34
N GLY A 373 -24.38 16.29 4.81
CA GLY A 373 -24.95 15.94 6.13
C GLY A 373 -25.68 14.66 6.33
N THR A 374 -25.89 14.35 7.63
CA THR A 374 -26.66 13.20 8.00
C THR A 374 -27.90 12.93 7.16
N GLY A 375 -28.09 11.69 6.74
CA GLY A 375 -29.32 11.35 6.09
C GLY A 375 -29.56 11.98 4.69
N THR A 376 -28.59 12.69 4.17
CA THR A 376 -28.80 13.32 2.84
C THR A 376 -28.43 12.31 1.71
N LYS A 377 -29.13 12.43 0.56
CA LYS A 377 -28.98 11.43 -0.51
C LYS A 377 -28.63 12.16 -1.79
N VAL A 378 -27.59 11.67 -2.46
CA VAL A 378 -27.29 12.16 -3.82
C VAL A 378 -27.33 10.88 -4.65
N PRO A 379 -28.54 10.48 -5.10
CA PRO A 379 -28.62 9.13 -5.47
C PRO A 379 -28.15 8.80 -6.94
N HIS A 380 -28.09 9.78 -7.86
CA HIS A 380 -27.87 9.36 -9.29
C HIS A 380 -27.16 10.40 -10.10
N LEU A 381 -26.13 9.92 -10.82
CA LEU A 381 -25.66 10.64 -12.08
C LEU A 381 -25.37 12.09 -11.76
N THR A 382 -24.64 12.32 -10.68
CA THR A 382 -24.51 13.71 -10.27
C THR A 382 -23.06 14.02 -9.83
N TYR A 383 -22.62 15.24 -10.11
CA TYR A 383 -21.28 15.65 -9.64
C TYR A 383 -21.47 16.72 -8.51
N VAL A 384 -20.86 16.43 -7.35
CA VAL A 384 -20.88 17.35 -6.21
C VAL A 384 -19.40 17.83 -5.96
N GLY A 385 -19.06 19.12 -6.23
CA GLY A 385 -17.65 19.56 -6.03
C GLY A 385 -17.76 20.86 -5.23
N ASP A 386 -16.96 20.98 -4.18
CA ASP A 386 -16.78 22.24 -3.38
C ASP A 386 -18.14 22.66 -2.76
N ALA A 387 -18.90 21.70 -2.17
CA ALA A 387 -20.25 22.06 -1.77
C ALA A 387 -20.42 21.67 -0.38
N ASP A 388 -21.26 22.39 0.40
CA ASP A 388 -21.65 21.90 1.73
C ASP A 388 -23.13 21.74 1.69
N ILE A 389 -23.61 20.55 2.01
CA ILE A 389 -25.01 20.23 1.95
C ILE A 389 -25.44 19.81 3.35
N GLY A 390 -26.61 20.30 3.79
CA GLY A 390 -27.13 19.90 5.14
C GLY A 390 -27.74 18.52 5.25
N GLU A 391 -28.61 18.33 6.26
CA GLU A 391 -29.16 17.04 6.61
C GLU A 391 -30.48 16.71 6.02
N TYR A 392 -30.75 15.41 5.81
CA TYR A 392 -32.01 14.93 5.30
C TYR A 392 -32.41 15.61 4.04
N SER A 393 -31.46 15.99 3.23
CA SER A 393 -31.79 16.63 1.94
C SER A 393 -31.76 15.59 0.78
N ASN A 394 -32.33 15.90 -0.38
CA ASN A 394 -32.25 14.97 -1.50
C ASN A 394 -31.85 15.80 -2.73
N ILE A 395 -30.77 15.39 -3.39
CA ILE A 395 -30.33 16.09 -4.63
C ILE A 395 -30.81 15.25 -5.84
N GLY A 396 -31.57 15.85 -6.74
CA GLY A 396 -32.22 15.08 -7.77
C GLY A 396 -31.20 14.56 -8.77
N ALA A 397 -31.61 13.52 -9.50
CA ALA A 397 -30.73 12.82 -10.45
C ALA A 397 -30.15 13.79 -11.45
N SER A 398 -28.92 13.51 -11.88
CA SER A 398 -28.35 14.22 -13.04
C SER A 398 -28.12 15.71 -12.77
N SER A 399 -27.75 16.08 -11.52
CA SER A 399 -27.51 17.46 -11.19
C SER A 399 -26.02 17.74 -11.25
N VAL A 400 -25.67 19.05 -11.25
CA VAL A 400 -24.23 19.37 -11.22
C VAL A 400 -24.02 20.56 -10.25
N PHE A 401 -23.11 20.38 -9.29
CA PHE A 401 -22.64 21.56 -8.54
C PHE A 401 -21.55 22.20 -9.40
N VAL A 402 -21.92 23.30 -10.07
CA VAL A 402 -21.09 23.83 -11.13
C VAL A 402 -20.10 24.65 -10.38
N ASN A 403 -18.89 24.14 -10.20
CA ASN A 403 -18.00 24.85 -9.28
C ASN A 403 -16.85 25.58 -10.05
N TYR A 404 -16.94 25.77 -11.37
CA TYR A 404 -15.78 26.31 -12.15
C TYR A 404 -16.33 27.32 -13.07
N ASP A 405 -15.86 28.57 -12.93
CA ASP A 405 -16.47 29.63 -13.75
C ASP A 405 -15.67 29.83 -15.07
N GLY A 406 -14.73 28.89 -15.34
CA GLY A 406 -13.96 28.93 -16.64
C GLY A 406 -12.51 29.29 -16.26
N THR A 407 -12.31 29.89 -15.04
CA THR A 407 -10.94 30.21 -14.61
C THR A 407 -10.70 29.83 -13.13
N SER A 408 -11.74 29.86 -12.27
CA SER A 408 -11.62 29.64 -10.76
C SER A 408 -12.67 28.71 -10.19
N LYS A 409 -12.42 28.22 -8.96
CA LYS A 409 -13.41 27.29 -8.33
C LYS A 409 -14.26 28.05 -7.35
N ARG A 410 -15.57 27.74 -7.32
CA ARG A 410 -16.50 28.45 -6.46
C ARG A 410 -17.34 27.44 -5.63
N ARG A 411 -17.79 27.86 -4.43
CA ARG A 411 -18.54 27.06 -3.49
C ARG A 411 -20.08 27.24 -3.53
N THR A 412 -20.77 26.15 -3.31
CA THR A 412 -22.27 26.15 -3.10
C THR A 412 -22.62 25.71 -1.67
N THR A 413 -23.69 26.32 -1.10
CA THR A 413 -24.22 25.83 0.15
C THR A 413 -25.68 25.43 0.00
N VAL A 414 -26.03 24.24 0.49
CA VAL A 414 -27.40 23.75 0.36
C VAL A 414 -27.85 23.39 1.73
N GLY A 415 -29.03 23.88 2.13
CA GLY A 415 -29.52 23.60 3.53
C GLY A 415 -29.99 22.20 3.80
N SER A 416 -30.77 22.06 4.88
CA SER A 416 -31.28 20.78 5.28
C SER A 416 -32.70 20.62 4.78
N HIS A 417 -33.14 19.37 4.71
CA HIS A 417 -34.54 19.00 4.24
C HIS A 417 -34.83 19.58 2.90
N VAL A 418 -33.82 19.83 2.02
CA VAL A 418 -34.20 20.39 0.76
C VAL A 418 -34.59 19.20 -0.21
N ARG A 419 -35.34 19.53 -1.29
CA ARG A 419 -35.62 18.54 -2.34
C ARG A 419 -35.29 19.21 -3.69
N THR A 420 -34.06 19.08 -4.18
CA THR A 420 -33.80 19.77 -5.44
C THR A 420 -34.15 18.85 -6.62
N GLY A 421 -34.49 19.44 -7.72
CA GLY A 421 -35.05 18.64 -8.84
C GLY A 421 -33.96 18.03 -9.67
N SER A 422 -34.32 16.96 -10.39
CA SER A 422 -33.38 16.41 -11.36
C SER A 422 -32.89 17.46 -12.37
N ASP A 423 -31.64 17.27 -12.82
CA ASP A 423 -31.09 18.16 -13.84
C ASP A 423 -31.07 19.62 -13.34
N THR A 424 -30.73 19.80 -12.06
CA THR A 424 -30.51 21.16 -11.54
C THR A 424 -28.98 21.46 -11.60
N MET A 425 -28.62 22.66 -12.09
CA MET A 425 -27.24 23.07 -12.14
C MET A 425 -27.14 24.17 -11.04
N PHE A 426 -26.29 23.97 -10.05
CA PHE A 426 -26.08 25.02 -9.04
C PHE A 426 -24.88 25.82 -9.47
N VAL A 427 -25.11 27.03 -9.94
CA VAL A 427 -23.98 27.79 -10.54
C VAL A 427 -23.32 28.56 -9.36
N ALA A 428 -22.26 28.00 -8.79
CA ALA A 428 -21.77 28.56 -7.59
C ALA A 428 -21.17 29.98 -7.92
N PRO A 429 -21.10 30.87 -6.91
CA PRO A 429 -21.56 30.67 -5.51
C PRO A 429 -23.09 30.89 -5.41
N VAL A 430 -23.85 29.95 -4.83
CA VAL A 430 -25.23 30.17 -4.53
C VAL A 430 -25.56 29.45 -3.26
N THR A 431 -26.65 29.83 -2.60
CA THR A 431 -27.08 29.16 -1.35
C THR A 431 -28.53 28.73 -1.53
N ILE A 432 -28.87 27.50 -1.15
CA ILE A 432 -30.25 27.04 -1.25
C ILE A 432 -30.77 26.90 0.19
N GLY A 433 -31.84 27.64 0.51
CA GLY A 433 -32.21 27.64 1.95
C GLY A 433 -32.91 26.35 2.42
N ASP A 434 -33.06 26.20 3.74
CA ASP A 434 -33.66 24.97 4.27
C ASP A 434 -35.05 24.76 3.67
N GLY A 435 -35.36 23.49 3.37
CA GLY A 435 -36.70 23.05 2.97
C GLY A 435 -37.06 23.58 1.57
N ALA A 436 -36.12 24.24 0.84
CA ALA A 436 -36.42 24.69 -0.54
C ALA A 436 -36.52 23.55 -1.57
N TYR A 437 -37.17 23.79 -2.70
CA TYR A 437 -37.25 22.77 -3.79
C TYR A 437 -36.65 23.46 -4.99
N THR A 438 -36.19 22.68 -5.98
CA THR A 438 -36.04 23.31 -7.32
C THR A 438 -36.80 22.38 -8.25
N GLY A 439 -37.25 22.89 -9.39
CA GLY A 439 -37.94 21.99 -10.33
C GLY A 439 -36.95 21.23 -11.14
N ALA A 440 -37.40 20.13 -11.75
CA ALA A 440 -36.50 19.45 -12.75
C ALA A 440 -36.07 20.46 -13.86
N GLY A 441 -34.78 20.43 -14.23
CA GLY A 441 -34.30 21.26 -15.34
C GLY A 441 -33.92 22.72 -14.94
N THR A 442 -33.68 23.00 -13.64
CA THR A 442 -33.50 24.41 -13.24
C THR A 442 -32.02 24.77 -13.26
N VAL A 443 -31.68 25.94 -13.80
CA VAL A 443 -30.30 26.42 -13.67
C VAL A 443 -30.33 27.51 -12.58
N VAL A 444 -29.76 27.21 -11.42
CA VAL A 444 -29.85 28.04 -10.26
C VAL A 444 -28.60 28.97 -10.28
N ARG A 445 -28.88 30.26 -10.54
CA ARG A 445 -27.82 31.25 -10.62
C ARG A 445 -27.90 32.26 -9.45
N GLU A 446 -29.00 32.25 -8.70
CA GLU A 446 -29.11 33.13 -7.50
C GLU A 446 -29.63 32.37 -6.30
N ASP A 447 -29.42 32.88 -5.08
CA ASP A 447 -29.89 32.18 -3.90
C ASP A 447 -31.38 31.85 -3.95
N VAL A 448 -31.71 30.78 -3.25
CA VAL A 448 -33.10 30.38 -3.19
C VAL A 448 -33.45 30.43 -1.72
N PRO A 449 -34.45 31.25 -1.34
CA PRO A 449 -34.83 31.34 0.10
C PRO A 449 -35.37 30.00 0.65
N PRO A 450 -35.27 29.77 1.96
CA PRO A 450 -35.94 28.68 2.62
C PRO A 450 -37.40 28.53 2.14
N GLY A 451 -37.82 27.30 1.80
CA GLY A 451 -39.24 27.08 1.51
C GLY A 451 -39.68 27.62 0.18
N ALA A 452 -38.76 28.12 -0.65
CA ALA A 452 -39.17 28.61 -1.97
C ALA A 452 -39.06 27.45 -3.00
N LEU A 453 -39.72 27.55 -4.14
CA LEU A 453 -39.45 26.65 -5.29
C LEU A 453 -38.71 27.47 -6.34
N ALA A 454 -37.54 27.02 -6.75
CA ALA A 454 -36.88 27.75 -7.84
C ALA A 454 -37.07 26.98 -9.10
N VAL A 455 -37.35 27.66 -10.23
CA VAL A 455 -37.51 26.97 -11.53
C VAL A 455 -36.92 27.92 -12.58
N SER A 456 -36.65 27.38 -13.77
CA SER A 456 -36.20 28.22 -14.85
C SER A 456 -36.54 27.67 -16.22
N ALA A 457 -36.84 26.36 -16.36
CA ALA A 457 -37.18 25.89 -17.73
C ALA A 457 -38.45 26.59 -18.29
N GLY A 458 -38.55 26.74 -19.62
CA GLY A 458 -39.77 27.32 -20.15
C GLY A 458 -40.92 26.31 -20.16
N PRO A 459 -42.12 26.76 -20.56
CA PRO A 459 -43.27 25.95 -20.60
C PRO A 459 -43.08 24.86 -21.67
N GLN A 460 -43.62 23.68 -21.41
CA GLN A 460 -43.66 22.69 -22.48
C GLN A 460 -44.52 23.15 -23.68
N ARG A 461 -44.05 22.90 -24.90
CA ARG A 461 -44.85 23.19 -26.06
C ARG A 461 -44.97 21.89 -26.82
N ASN A 462 -46.18 21.45 -27.13
CA ASN A 462 -46.32 20.24 -27.94
C ASN A 462 -46.62 20.67 -29.40
N ILE A 463 -45.83 20.20 -30.34
CA ILE A 463 -46.01 20.61 -31.74
C ILE A 463 -46.65 19.38 -32.37
N GLU A 464 -47.96 19.45 -32.59
CA GLU A 464 -48.67 18.26 -33.07
C GLU A 464 -48.34 17.96 -34.52
N ASN A 465 -48.29 16.71 -34.89
CA ASN A 465 -48.00 16.27 -36.27
C ASN A 465 -46.59 16.58 -36.71
N TRP A 466 -45.72 16.97 -35.78
CA TRP A 466 -44.30 17.29 -36.21
C TRP A 466 -43.71 16.04 -36.86
N VAL A 467 -43.99 14.87 -36.30
CA VAL A 467 -43.24 13.67 -36.74
C VAL A 467 -43.65 13.28 -38.20
N GLN A 468 -44.94 13.37 -38.48
CA GLN A 468 -45.38 13.06 -39.87
C GLN A 468 -44.84 14.09 -40.85
N ARG A 469 -44.68 15.33 -40.43
CA ARG A 469 -44.24 16.41 -41.33
C ARG A 469 -42.70 16.47 -41.42
N LYS A 470 -41.94 16.06 -40.39
CA LYS A 470 -40.49 16.24 -40.46
C LYS A 470 -39.73 14.94 -40.53
N ARG A 471 -40.39 13.83 -40.21
CA ARG A 471 -39.75 12.50 -40.37
C ARG A 471 -40.70 11.59 -41.25
N PRO A 472 -41.17 12.10 -42.42
CA PRO A 472 -42.20 11.34 -43.13
C PRO A 472 -41.70 10.01 -43.54
N GLY A 473 -42.50 8.98 -43.41
CA GLY A 473 -42.05 7.66 -43.91
C GLY A 473 -41.20 6.90 -42.86
N SER A 474 -40.92 7.54 -41.72
CA SER A 474 -40.05 6.88 -40.75
C SER A 474 -40.93 5.88 -39.94
N PRO A 475 -40.27 4.96 -39.18
CA PRO A 475 -40.95 4.08 -38.26
C PRO A 475 -41.77 4.91 -37.21
N ALA A 476 -41.20 6.03 -36.73
CA ALA A 476 -41.93 6.86 -35.76
C ALA A 476 -43.21 7.46 -36.41
N ALA A 477 -43.07 7.99 -37.64
CA ALA A 477 -44.29 8.51 -38.34
C ALA A 477 -45.35 7.43 -38.58
N GLN A 478 -44.90 6.26 -39.01
CA GLN A 478 -45.84 5.12 -39.19
C GLN A 478 -46.51 4.72 -37.87
N ALA A 479 -45.74 4.62 -36.76
CA ALA A 479 -46.37 4.38 -35.47
C ALA A 479 -47.31 5.49 -35.02
N SER A 480 -47.05 6.76 -35.28
CA SER A 480 -48.08 7.67 -34.77
C SER A 480 -49.30 7.62 -35.68
N LYS A 481 -49.10 7.38 -36.97
CA LYS A 481 -50.29 7.13 -37.90
C LYS A 481 -51.11 5.94 -37.37
N ARG A 482 -50.45 4.85 -36.98
CA ARG A 482 -51.19 3.67 -36.42
C ARG A 482 -52.02 4.04 -35.16
N ALA A 483 -51.41 4.80 -34.25
CA ALA A 483 -52.07 5.19 -33.00
C ALA A 483 -53.23 6.11 -33.33
N SER A 484 -53.04 7.07 -34.23
CA SER A 484 -54.10 8.04 -34.56
C SER A 484 -55.39 7.34 -35.09
N GLU A 485 -55.28 6.22 -35.80
CA GLU A 485 -56.44 5.30 -35.96
C GLU A 485 -56.79 4.47 -34.71
N MET A 486 -56.42 3.19 -34.73
CA MET A 486 -56.60 2.28 -33.57
C MET A 486 -57.93 2.52 -32.85
MG MG B . 18.98 -9.64 -2.98
MG MG C . -30.99 20.38 -18.75
N1A COA D . -39.56 23.81 -14.64
C2A COA D . -40.09 24.99 -14.94
N3A COA D . -41.22 25.44 -14.42
C4A COA D . -41.92 24.61 -13.63
C5A COA D . -41.43 23.36 -13.33
C6A COA D . -40.19 22.96 -13.85
N6A COA D . -39.67 21.73 -13.54
N7A COA D . -42.32 22.76 -12.49
C8A COA D . -43.31 23.69 -12.22
N9A COA D . -43.06 24.78 -12.95
C1B COA D . -43.82 26.05 -12.93
C2B COA D . -45.31 25.75 -13.15
O2B COA D . -45.41 26.11 -14.53
C3B COA D . -45.97 26.80 -12.20
O3B COA D . -45.76 28.08 -12.78
P3B COA D . -47.05 29.01 -13.32
O7A COA D . -47.86 29.03 -12.01
O8A COA D . -46.39 30.21 -14.07
O9A COA D . -47.65 28.22 -14.49
C4B COA D . -45.09 26.86 -11.00
O4B COA D . -43.78 26.30 -11.47
C5B COA D . -45.80 26.16 -9.84
O5B COA D . -45.74 24.86 -10.37
P1A COA D . -46.99 24.01 -9.97
O1A COA D . -48.33 24.24 -10.49
O2A COA D . -47.03 24.61 -8.56
O3A COA D . -46.71 22.44 -10.27
P2A COA D . -46.47 21.68 -8.90
O4A COA D . -47.18 20.37 -8.78
O5A COA D . -46.80 22.74 -7.89
O6A COA D . -44.88 21.34 -8.85
CBP COA D . -42.90 20.24 -9.41
CCP COA D . -44.38 20.52 -9.83
CDP COA D . -42.03 21.44 -9.27
CEP COA D . -42.89 19.39 -8.15
CAP COA D . -42.50 19.39 -10.60
OAP COA D . -42.81 20.11 -11.86
C9P COA D . -40.99 19.09 -10.64
O9P COA D . -40.25 19.86 -11.27
N8P COA D . -40.61 17.94 -10.04
C7P COA D . -39.21 17.47 -9.95
C6P COA D . -39.10 16.40 -8.89
C5P COA D . -37.68 15.85 -9.02
O5P COA D . -36.91 16.27 -9.96
N4P COA D . -37.26 14.92 -8.19
C3P COA D . -35.93 14.25 -8.16
C2P COA D . -36.04 12.91 -8.94
S1P COA D . -34.38 12.07 -8.88
C1 GP1 E . -36.10 8.07 -6.14
C2 GP1 E . -35.51 9.40 -6.63
C3 GP1 E . -34.32 9.84 -5.71
C4 GP1 E . -34.62 9.68 -4.17
C5 GP1 E . -35.49 8.44 -3.73
C6 GP1 E . -36.04 8.48 -2.25
N2 GP1 E . -35.20 9.15 -8.07
O1 GP1 E . -35.09 7.04 -6.30
O3 GP1 E . -34.07 11.27 -5.97
O4 GP1 E . -33.44 9.72 -3.39
O6 GP1 E . -36.62 7.18 -1.97
O5 GP1 E . -36.56 8.16 -4.74
O7B GP1 E . -34.98 4.76 -7.58
P4B GP1 E . -35.61 5.46 -6.30
O8B GP1 E . -37.19 5.42 -6.23
O9B GP1 E . -35.03 4.76 -5.09
MG MG F . -34.57 25.80 -20.39
MG MG G . -28.86 17.34 -17.87
C1' UD1 H . 22.71 -12.28 -1.44
C2' UD1 H . 23.79 -13.23 -0.93
C3' UD1 H . 23.33 -14.67 -0.96
C4' UD1 H . 21.95 -14.81 -0.31
C5' UD1 H . 20.98 -13.78 -0.86
C6' UD1 H . 19.63 -13.87 -0.15
C7' UD1 H . 26.05 -12.40 -1.28
C8' UD1 H . 27.31 -12.56 -2.08
N2' UD1 H . 24.99 -13.08 -1.73
O1' UD1 H . 22.44 -12.56 -2.82
O3' UD1 H . 24.26 -15.50 -0.27
O4' UD1 H . 21.44 -16.13 -0.56
O5' UD1 H . 21.52 -12.47 -0.67
O6' UD1 H . 18.85 -12.71 -0.45
O7' UD1 H . 26.01 -11.72 -0.28
N1 UD1 H . 24.49 -4.45 -1.46
C2 UD1 H . 25.33 -3.35 -1.21
N3 UD1 H . 26.48 -3.23 -1.89
C4 UD1 H . 26.84 -4.14 -2.81
C5 UD1 H . 26.02 -5.23 -3.06
C6 UD1 H . 24.83 -5.37 -2.37
O2 UD1 H . 25.01 -2.50 -0.36
O4 UD1 H . 27.91 -4.00 -3.43
C1B UD1 H . 23.23 -4.60 -0.71
C2B UD1 H . 22.05 -4.47 -1.68
O2' UD1 H . 21.20 -3.39 -1.26
C3B UD1 H . 21.30 -5.79 -1.58
C4B UD1 H . 22.05 -6.65 -0.57
O4B UD1 H . 23.17 -5.89 -0.11
O3B UD1 H . 19.97 -5.54 -1.11
C5B UD1 H . 22.53 -7.94 -1.21
O5B UD1 H . 22.81 -7.71 -2.59
PA UD1 H . 22.15 -8.65 -3.72
O1A UD1 H . 22.75 -8.27 -5.06
O2A UD1 H . 20.65 -8.61 -3.54
O3A UD1 H . 22.67 -10.11 -3.32
PB UD1 H . 21.85 -11.41 -3.78
O1B UD1 H . 20.39 -11.21 -3.42
O2B UD1 H . 22.22 -11.76 -5.20
#